data_1I5N
#
_entry.id   1I5N
#
_cell.length_a   54.95
_cell.length_b   88.72
_cell.length_c   115.82
_cell.angle_alpha   90.00
_cell.angle_beta   90.00
_cell.angle_gamma   90.00
#
_symmetry.space_group_name_H-M   'P 21 21 21'
#
loop_
_entity.id
_entity.type
_entity.pdbx_description
1 polymer 'CHEMOTAXIS PROTEIN CHEA'
2 non-polymer 'SULFATE ION'
3 water water
#
_entity_poly.entity_id   1
_entity_poly.type   'polypeptide(L)'
_entity_poly.pdbx_seq_one_letter_code
;(MSE)S(MSE)DISDFYQTFFDEADELLAD(MSE)EQHLLDLVPESPDAEQLNAIFRAAHSIKGGAGTFGFTILQETTHL
(MSE)ENLLDEARRGE(MSE)QLNTDIINLFLETKDI(MSE)QEQLDAYKNSEEPDAASFEYICNALRQLALEAKGETTP
AVRSHHHHHH
;
_entity_poly.pdbx_strand_id   A,B,C,D
#
loop_
_chem_comp.id
_chem_comp.type
_chem_comp.name
_chem_comp.formula
SO4 non-polymer 'SULFATE ION' 'O4 S -2'
#
# COMPACT_ATOMS: atom_id res chain seq x y z
N ASP A 4 0.06 18.24 14.97
CA ASP A 4 1.54 18.31 14.99
C ASP A 4 2.14 16.91 15.17
N ILE A 5 1.60 16.14 16.11
CA ILE A 5 2.09 14.78 16.34
C ILE A 5 1.98 13.97 15.04
N SER A 6 1.09 14.42 14.15
CA SER A 6 0.88 13.73 12.88
C SER A 6 2.08 13.96 11.98
N ASP A 7 2.98 14.85 12.40
CA ASP A 7 4.17 15.15 11.62
C ASP A 7 5.17 14.01 11.75
N PHE A 8 4.85 13.06 12.62
CA PHE A 8 5.72 11.91 12.84
C PHE A 8 5.12 10.60 12.34
N TYR A 9 3.98 10.67 11.64
CA TYR A 9 3.31 9.47 11.11
C TYR A 9 4.04 8.84 9.94
N GLN A 10 4.39 9.65 8.94
CA GLN A 10 5.06 9.14 7.75
C GLN A 10 6.21 8.17 8.02
N THR A 11 7.10 8.53 8.93
CA THR A 11 8.22 7.66 9.26
C THR A 11 7.73 6.34 9.84
N PHE A 12 6.69 6.41 10.67
CA PHE A 12 6.13 5.20 11.26
C PHE A 12 5.50 4.31 10.19
N PHE A 13 4.66 4.90 9.34
CA PHE A 13 3.98 4.17 8.26
C PHE A 13 4.99 3.41 7.40
N ASP A 14 6.11 4.06 7.07
CA ASP A 14 7.15 3.42 6.26
C ASP A 14 7.81 2.29 7.05
N GLU A 15 8.22 2.56 8.29
CA GLU A 15 8.83 1.52 9.10
C GLU A 15 7.91 0.28 9.21
N ALA A 16 6.64 0.54 9.51
CA ALA A 16 5.64 -0.50 9.68
C ALA A 16 5.48 -1.37 8.42
N ASP A 17 5.39 -0.73 7.26
CA ASP A 17 5.25 -1.46 5.99
C ASP A 17 6.44 -2.42 5.82
N GLU A 18 7.63 -1.89 6.07
CA GLU A 18 8.87 -2.66 5.97
C GLU A 18 8.87 -3.82 6.97
N LEU A 19 8.48 -3.53 8.21
CA LEU A 19 8.44 -4.57 9.23
C LEU A 19 7.38 -5.62 8.92
N LEU A 20 6.30 -5.21 8.25
CA LEU A 20 5.25 -6.15 7.90
C LEU A 20 5.74 -7.07 6.78
N ALA A 21 6.53 -6.51 5.86
CA ALA A 21 7.09 -7.31 4.79
C ALA A 21 8.07 -8.34 5.39
N ASP A 22 8.92 -7.90 6.31
CA ASP A 22 9.88 -8.80 6.96
C ASP A 22 9.17 -9.91 7.72
N MSE A 23 8.09 -9.52 8.40
CA MSE A 23 7.30 -10.46 9.20
C MSE A 23 6.77 -11.56 8.29
O MSE A 23 6.85 -12.75 8.64
CB MSE A 23 6.15 -9.71 9.87
CG MSE A 23 5.29 -10.56 10.79
SE MSE A 23 4.06 -9.41 11.82
CE MSE A 23 5.28 -7.95 12.09
N GLU A 24 6.21 -11.15 7.16
CA GLU A 24 5.64 -12.08 6.20
C GLU A 24 6.67 -13.08 5.68
N GLN A 25 7.83 -12.59 5.28
CA GLN A 25 8.89 -13.45 4.76
C GLN A 25 9.39 -14.42 5.82
N HIS A 26 9.61 -13.93 7.06
CA HIS A 26 10.08 -14.81 8.11
C HIS A 26 9.03 -15.89 8.40
N LEU A 27 7.76 -15.49 8.41
CA LEU A 27 6.68 -16.42 8.67
C LEU A 27 6.68 -17.52 7.61
N LEU A 28 6.79 -17.12 6.35
CA LEU A 28 6.80 -18.05 5.24
C LEU A 28 8.01 -18.99 5.29
N ASP A 29 9.12 -18.55 5.87
CA ASP A 29 10.30 -19.40 5.94
C ASP A 29 10.37 -20.27 7.19
N LEU A 30 9.49 -20.01 8.15
CA LEU A 30 9.52 -20.78 9.39
C LEU A 30 9.19 -22.25 9.20
N VAL A 31 9.88 -23.09 9.95
CA VAL A 31 9.67 -24.54 9.96
C VAL A 31 8.96 -24.73 11.29
N PRO A 32 7.62 -24.80 11.29
CA PRO A 32 6.82 -24.97 12.51
C PRO A 32 7.34 -25.90 13.61
N GLU A 33 7.72 -27.12 13.26
CA GLU A 33 8.20 -28.07 14.27
C GLU A 33 9.59 -27.76 14.81
N SER A 34 10.35 -26.96 14.07
CA SER A 34 11.69 -26.59 14.50
C SER A 34 12.00 -25.16 14.08
N PRO A 35 11.19 -24.19 14.56
CA PRO A 35 11.38 -22.78 14.23
C PRO A 35 12.74 -22.23 14.64
N ASP A 36 13.46 -21.67 13.67
CA ASP A 36 14.76 -21.07 13.93
C ASP A 36 14.56 -19.96 14.94
N ALA A 37 15.20 -20.08 16.09
CA ALA A 37 15.08 -19.11 17.16
C ALA A 37 15.29 -17.67 16.69
N GLU A 38 16.30 -17.48 15.85
CA GLU A 38 16.62 -16.15 15.35
C GLU A 38 15.54 -15.59 14.43
N GLN A 39 14.77 -16.47 13.79
CA GLN A 39 13.71 -16.02 12.89
C GLN A 39 12.48 -15.60 13.69
N LEU A 40 12.14 -16.37 14.72
CA LEU A 40 11.01 -16.05 15.57
C LEU A 40 11.31 -14.75 16.29
N ASN A 41 12.54 -14.59 16.77
CA ASN A 41 12.89 -13.36 17.47
C ASN A 41 12.67 -12.16 16.58
N ALA A 42 12.93 -12.30 15.28
CA ALA A 42 12.75 -11.18 14.36
C ALA A 42 11.28 -10.84 14.16
N ILE A 43 10.44 -11.86 14.12
CA ILE A 43 8.99 -11.66 13.95
C ILE A 43 8.44 -10.95 15.18
N PHE A 44 8.87 -11.42 16.35
CA PHE A 44 8.47 -10.85 17.63
C PHE A 44 8.91 -9.38 17.72
N ARG A 45 10.15 -9.10 17.33
CA ARG A 45 10.64 -7.73 17.38
C ARG A 45 9.91 -6.78 16.43
N ALA A 46 9.54 -7.27 15.25
CA ALA A 46 8.80 -6.45 14.31
C ALA A 46 7.46 -6.11 14.96
N ALA A 47 6.79 -7.13 15.51
CA ALA A 47 5.50 -6.92 16.18
C ALA A 47 5.63 -5.95 17.37
N HIS A 48 6.66 -6.14 18.19
CA HIS A 48 6.87 -5.25 19.33
C HIS A 48 7.06 -3.79 18.86
N SER A 49 7.84 -3.61 17.80
CA SER A 49 8.08 -2.28 17.25
C SER A 49 6.81 -1.64 16.73
N ILE A 50 6.04 -2.39 15.96
CA ILE A 50 4.81 -1.85 15.41
C ILE A 50 3.84 -1.47 16.53
N LYS A 51 3.78 -2.30 17.57
CA LYS A 51 2.89 -2.04 18.71
C LYS A 51 3.20 -0.74 19.42
N GLY A 52 4.49 -0.50 19.68
CA GLY A 52 4.89 0.72 20.35
C GLY A 52 4.55 1.94 19.53
N GLY A 53 4.78 1.86 18.23
CA GLY A 53 4.45 2.99 17.37
C GLY A 53 2.94 3.23 17.40
N ALA A 54 2.18 2.14 17.35
CA ALA A 54 0.72 2.23 17.37
C ALA A 54 0.26 2.89 18.68
N GLY A 55 0.88 2.52 19.79
CA GLY A 55 0.53 3.12 21.06
C GLY A 55 0.87 4.62 21.07
N THR A 56 2.09 4.94 20.69
CA THR A 56 2.51 6.34 20.65
C THR A 56 1.53 7.25 19.90
N PHE A 57 1.04 6.78 18.75
CA PHE A 57 0.14 7.60 17.96
C PHE A 57 -1.36 7.39 18.14
N GLY A 58 -1.74 6.58 19.12
CA GLY A 58 -3.14 6.34 19.37
C GLY A 58 -3.89 5.58 18.29
N PHE A 59 -3.23 4.63 17.64
CA PHE A 59 -3.85 3.81 16.60
C PHE A 59 -4.38 2.59 17.36
N THR A 60 -5.44 2.82 18.11
CA THR A 60 -6.07 1.80 18.95
C THR A 60 -6.21 0.41 18.34
N ILE A 61 -6.93 0.33 17.22
CA ILE A 61 -7.15 -0.96 16.58
C ILE A 61 -5.85 -1.70 16.22
N LEU A 62 -4.86 -1.00 15.69
CA LEU A 62 -3.61 -1.66 15.34
C LEU A 62 -2.88 -2.11 16.60
N GLN A 63 -2.86 -1.24 17.60
CA GLN A 63 -2.17 -1.54 18.85
C GLN A 63 -2.68 -2.81 19.52
N GLU A 64 -3.99 -2.94 19.63
CA GLU A 64 -4.59 -4.10 20.28
C GLU A 64 -4.35 -5.35 19.44
N THR A 65 -4.48 -5.24 18.13
CA THR A 65 -4.25 -6.38 17.25
C THR A 65 -2.82 -6.88 17.40
N THR A 66 -1.86 -5.96 17.31
CA THR A 66 -0.44 -6.32 17.42
C THR A 66 -0.12 -6.81 18.83
N HIS A 67 -0.80 -6.23 19.81
CA HIS A 67 -0.59 -6.60 21.21
C HIS A 67 -0.85 -8.10 21.38
N LEU A 68 -2.00 -8.56 20.90
CA LEU A 68 -2.36 -9.97 21.03
C LEU A 68 -1.42 -10.88 20.26
N MSE A 69 -0.96 -10.43 19.09
CA MSE A 69 -0.07 -11.28 18.33
C MSE A 69 1.28 -11.37 19.04
O MSE A 69 1.85 -12.45 19.11
CB MSE A 69 0.15 -10.73 16.91
CG MSE A 69 0.88 -11.72 15.97
SE MSE A 69 1.45 -10.76 14.40
CE MSE A 69 2.20 -12.25 13.42
N GLU A 70 1.77 -10.25 19.56
CA GLU A 70 3.05 -10.19 20.26
C GLU A 70 3.12 -11.16 21.44
N ASN A 71 2.06 -11.19 22.24
CA ASN A 71 2.04 -12.09 23.39
C ASN A 71 2.16 -13.53 22.90
N LEU A 72 1.53 -13.83 21.78
CA LEU A 72 1.58 -15.18 21.22
C LEU A 72 2.96 -15.49 20.71
N LEU A 73 3.59 -14.52 20.04
CA LEU A 73 4.92 -14.73 19.51
C LEU A 73 5.93 -14.87 20.64
N ASP A 74 5.63 -14.22 21.76
CA ASP A 74 6.51 -14.31 22.92
C ASP A 74 6.44 -15.74 23.46
N GLU A 75 5.24 -16.30 23.50
CA GLU A 75 5.06 -17.66 23.98
C GLU A 75 5.85 -18.63 23.10
N ALA A 76 5.67 -18.49 21.80
CA ALA A 76 6.36 -19.36 20.85
C ALA A 76 7.87 -19.22 20.87
N ARG A 77 8.37 -18.01 21.06
CA ARG A 77 9.82 -17.84 21.06
C ARG A 77 10.43 -18.34 22.36
N ARG A 78 9.69 -18.21 23.47
CA ARG A 78 10.19 -18.69 24.75
C ARG A 78 10.07 -20.21 24.79
N GLY A 79 9.45 -20.78 23.75
CA GLY A 79 9.28 -22.22 23.70
C GLY A 79 8.10 -22.73 24.51
N GLU A 80 7.27 -21.83 25.02
CA GLU A 80 6.11 -22.20 25.83
C GLU A 80 4.93 -22.68 24.98
N MSE A 81 4.93 -22.29 23.70
CA MSE A 81 3.85 -22.69 22.81
C MSE A 81 4.39 -23.38 21.56
O MSE A 81 5.37 -22.94 20.95
CB MSE A 81 3.00 -21.49 22.38
CG MSE A 81 1.85 -21.84 21.44
SE MSE A 81 0.79 -20.31 20.86
CE MSE A 81 2.25 -19.31 20.12
N GLN A 82 3.74 -24.48 21.19
CA GLN A 82 4.14 -25.24 20.02
C GLN A 82 3.51 -24.58 18.78
N LEU A 83 4.25 -24.56 17.69
CA LEU A 83 3.73 -23.99 16.44
C LEU A 83 3.33 -25.14 15.53
N ASN A 84 2.59 -24.81 14.48
CA ASN A 84 2.17 -25.77 13.47
C ASN A 84 1.73 -24.95 12.24
N THR A 85 1.27 -25.59 11.18
CA THR A 85 0.87 -24.83 10.01
C THR A 85 -0.35 -23.95 10.22
N ASP A 86 -1.29 -24.39 11.06
CA ASP A 86 -2.49 -23.61 11.33
C ASP A 86 -2.12 -22.28 12.02
N ILE A 87 -1.25 -22.36 13.01
CA ILE A 87 -0.83 -21.18 13.76
C ILE A 87 -0.10 -20.20 12.83
N ILE A 88 0.82 -20.71 12.02
CA ILE A 88 1.54 -19.85 11.10
C ILE A 88 0.57 -19.18 10.11
N ASN A 89 -0.45 -19.92 9.67
CA ASN A 89 -1.42 -19.33 8.76
C ASN A 89 -2.20 -18.23 9.48
N LEU A 90 -2.46 -18.40 10.78
CA LEU A 90 -3.17 -17.39 11.55
C LEU A 90 -2.30 -16.15 11.67
N PHE A 91 -0.99 -16.35 11.84
CA PHE A 91 -0.07 -15.22 11.94
C PHE A 91 -0.04 -14.46 10.61
N LEU A 92 -0.04 -15.19 9.50
CA LEU A 92 -0.03 -14.57 8.18
C LEU A 92 -1.31 -13.75 7.97
N GLU A 93 -2.43 -14.30 8.41
CA GLU A 93 -3.70 -13.62 8.30
C GLU A 93 -3.64 -12.37 9.17
N THR A 94 -2.99 -12.48 10.32
CA THR A 94 -2.85 -11.34 11.22
C THR A 94 -2.01 -10.24 10.57
N LYS A 95 -0.95 -10.65 9.86
CA LYS A 95 -0.07 -9.70 9.17
C LYS A 95 -0.91 -9.00 8.09
N ASP A 96 -1.69 -9.77 7.36
CA ASP A 96 -2.56 -9.22 6.32
C ASP A 96 -3.50 -8.13 6.85
N ILE A 97 -4.15 -8.43 7.98
CA ILE A 97 -5.10 -7.50 8.59
C ILE A 97 -4.40 -6.25 9.14
N MSE A 98 -3.23 -6.43 9.76
CA MSE A 98 -2.47 -5.30 10.30
C MSE A 98 -2.12 -4.33 9.16
O MSE A 98 -2.17 -3.11 9.33
CB MSE A 98 -1.18 -5.78 11.00
CG MSE A 98 -1.41 -6.37 12.40
SE MSE A 98 0.12 -7.38 13.06
CE MSE A 98 1.41 -5.91 13.08
N GLN A 99 -1.77 -4.87 7.99
CA GLN A 99 -1.42 -4.07 6.82
C GLN A 99 -2.64 -3.23 6.39
N GLU A 100 -3.82 -3.85 6.42
CA GLU A 100 -5.05 -3.15 6.04
C GLU A 100 -5.31 -2.02 7.05
N GLN A 101 -5.05 -2.28 8.32
CA GLN A 101 -5.28 -1.28 9.35
C GLN A 101 -4.34 -0.11 9.11
N LEU A 102 -3.07 -0.42 8.86
CA LEU A 102 -2.08 0.60 8.59
C LEU A 102 -2.49 1.43 7.36
N ASP A 103 -2.90 0.75 6.29
CA ASP A 103 -3.30 1.45 5.07
C ASP A 103 -4.46 2.41 5.28
N ALA A 104 -5.32 2.11 6.25
CA ALA A 104 -6.46 2.98 6.56
C ALA A 104 -5.90 4.24 7.24
N TYR A 105 -5.04 4.05 8.24
CA TYR A 105 -4.45 5.19 8.94
C TYR A 105 -3.69 6.10 7.96
N LYS A 106 -2.98 5.52 7.00
CA LYS A 106 -2.24 6.34 6.02
C LYS A 106 -3.20 7.33 5.32
N ASN A 107 -4.44 6.91 5.17
CA ASN A 107 -5.45 7.74 4.51
C ASN A 107 -6.31 8.53 5.50
N SER A 108 -5.89 8.57 6.76
CA SER A 108 -6.67 9.26 7.80
C SER A 108 -8.07 8.65 7.87
N GLU A 109 -8.15 7.34 7.66
CA GLU A 109 -9.41 6.60 7.71
C GLU A 109 -9.35 5.66 8.88
N GLU A 110 -10.50 5.12 9.25
CA GLU A 110 -10.60 4.17 10.34
C GLU A 110 -10.48 2.75 9.79
N PRO A 111 -9.74 1.86 10.49
CA PRO A 111 -9.59 0.47 10.04
C PRO A 111 -10.96 -0.23 10.06
N ASP A 112 -11.02 -1.43 9.48
CA ASP A 112 -12.22 -2.26 9.40
C ASP A 112 -12.58 -2.86 10.78
N ALA A 113 -13.74 -2.51 11.32
CA ALA A 113 -14.14 -3.02 12.64
C ALA A 113 -14.37 -4.52 12.70
N ALA A 114 -14.99 -5.07 11.65
CA ALA A 114 -15.29 -6.49 11.60
C ALA A 114 -14.02 -7.33 11.52
N SER A 115 -13.06 -6.91 10.70
CA SER A 115 -11.82 -7.65 10.59
C SER A 115 -11.08 -7.61 11.91
N PHE A 116 -11.16 -6.48 12.58
CA PHE A 116 -10.53 -6.30 13.89
C PHE A 116 -11.09 -7.32 14.91
N GLU A 117 -12.42 -7.41 14.99
CA GLU A 117 -13.06 -8.32 15.93
C GLU A 117 -12.75 -9.77 15.60
N TYR A 118 -12.76 -10.10 14.32
CA TYR A 118 -12.46 -11.46 13.94
C TYR A 118 -11.03 -11.88 14.28
N ILE A 119 -10.05 -11.05 13.94
CA ILE A 119 -8.67 -11.44 14.19
C ILE A 119 -8.35 -11.52 15.68
N CYS A 120 -8.86 -10.56 16.47
CA CYS A 120 -8.63 -10.55 17.91
C CYS A 120 -9.28 -11.78 18.54
N ASN A 121 -10.48 -12.11 18.09
CA ASN A 121 -11.19 -13.28 18.61
C ASN A 121 -10.38 -14.55 18.34
N ALA A 122 -9.86 -14.67 17.12
CA ALA A 122 -9.09 -15.85 16.76
C ALA A 122 -7.78 -15.94 17.53
N LEU A 123 -7.13 -14.80 17.73
CA LEU A 123 -5.86 -14.76 18.44
C LEU A 123 -6.07 -15.12 19.92
N ARG A 124 -7.20 -14.68 20.47
CA ARG A 124 -7.46 -14.98 21.86
C ARG A 124 -7.92 -16.42 22.02
N GLN A 125 -8.49 -16.99 20.97
CA GLN A 125 -8.91 -18.37 21.03
C GLN A 125 -7.65 -19.25 21.07
N LEU A 126 -6.68 -18.90 20.23
CA LEU A 126 -5.44 -19.65 20.18
C LEU A 126 -4.70 -19.61 21.51
N ALA A 127 -4.63 -18.44 22.13
CA ALA A 127 -3.93 -18.32 23.41
C ALA A 127 -4.61 -19.20 24.44
N LEU A 128 -5.93 -19.21 24.38
CA LEU A 128 -6.71 -20.02 25.30
C LEU A 128 -6.34 -21.48 25.08
N GLU A 129 -6.34 -21.91 23.81
CA GLU A 129 -6.02 -23.29 23.46
C GLU A 129 -4.60 -23.63 23.86
N ALA A 130 -3.72 -22.62 23.83
CA ALA A 130 -2.34 -22.80 24.19
C ALA A 130 -2.21 -23.09 25.69
N LYS A 131 -3.17 -22.61 26.46
CA LYS A 131 -3.16 -22.84 27.90
C LYS A 131 -3.80 -24.18 28.23
N MSE B 3 -20.15 23.54 -6.09
CA MSE B 3 -19.61 22.21 -5.69
C MSE B 3 -20.61 21.43 -4.81
O MSE B 3 -20.96 21.89 -3.72
CB MSE B 3 -18.29 22.38 -4.94
N ASP B 4 -21.04 20.27 -5.30
CA ASP B 4 -21.98 19.44 -4.57
C ASP B 4 -21.44 18.00 -4.50
N ILE B 5 -22.01 17.20 -3.61
CA ILE B 5 -21.56 15.83 -3.41
C ILE B 5 -21.50 14.98 -4.68
N SER B 6 -22.36 15.30 -5.66
CA SER B 6 -22.39 14.58 -6.92
C SER B 6 -21.07 14.72 -7.66
N ASP B 7 -20.33 15.78 -7.37
CA ASP B 7 -19.04 16.02 -8.01
C ASP B 7 -18.05 14.93 -7.66
N PHE B 8 -18.41 14.05 -6.73
CA PHE B 8 -17.51 12.97 -6.33
C PHE B 8 -17.97 11.56 -6.71
N TYR B 9 -19.16 11.43 -7.28
CA TYR B 9 -19.67 10.11 -7.67
C TYR B 9 -18.80 9.34 -8.66
N GLN B 10 -18.42 9.99 -9.75
CA GLN B 10 -17.64 9.33 -10.79
C GLN B 10 -16.40 8.56 -10.35
N THR B 11 -15.63 9.11 -9.42
CA THR B 11 -14.44 8.41 -8.93
C THR B 11 -14.86 7.11 -8.22
N PHE B 12 -15.91 7.18 -7.40
CA PHE B 12 -16.38 5.98 -6.70
C PHE B 12 -16.89 4.96 -7.71
N PHE B 13 -17.66 5.41 -8.69
CA PHE B 13 -18.19 4.49 -9.70
C PHE B 13 -17.06 3.73 -10.38
N ASP B 14 -15.98 4.44 -10.70
CA ASP B 14 -14.84 3.82 -11.36
C ASP B 14 -14.21 2.81 -10.41
N GLU B 15 -13.98 3.22 -9.17
CA GLU B 15 -13.36 2.34 -8.19
C GLU B 15 -14.21 1.10 -7.97
N ALA B 16 -15.52 1.29 -7.79
CA ALA B 16 -16.42 0.16 -7.54
C ALA B 16 -16.47 -0.82 -8.69
N ASP B 17 -16.47 -0.33 -9.93
CA ASP B 17 -16.47 -1.27 -11.06
C ASP B 17 -15.23 -2.16 -10.96
N GLU B 18 -14.09 -1.55 -10.65
CA GLU B 18 -12.84 -2.29 -10.52
C GLU B 18 -12.92 -3.32 -9.40
N LEU B 19 -13.41 -2.87 -8.24
CA LEU B 19 -13.53 -3.76 -7.09
C LEU B 19 -14.46 -4.93 -7.39
N LEU B 20 -15.60 -4.64 -8.01
CA LEU B 20 -16.56 -5.68 -8.37
C LEU B 20 -15.91 -6.70 -9.31
N ALA B 21 -15.21 -6.20 -10.34
CA ALA B 21 -14.52 -7.06 -11.28
C ALA B 21 -13.56 -7.98 -10.54
N ASP B 22 -12.79 -7.38 -9.64
CA ASP B 22 -11.83 -8.12 -8.86
C ASP B 22 -12.52 -9.14 -7.96
N MSE B 23 -13.61 -8.71 -7.34
CA MSE B 23 -14.35 -9.59 -6.44
C MSE B 23 -14.79 -10.84 -7.18
O MSE B 23 -14.62 -11.96 -6.70
CB MSE B 23 -15.56 -8.84 -5.86
CG MSE B 23 -16.46 -9.68 -4.97
SE MSE B 23 -18.03 -8.67 -4.36
CE MSE B 23 -17.21 -7.83 -2.85
N GLU B 24 -15.36 -10.65 -8.37
CA GLU B 24 -15.85 -11.77 -9.15
C GLU B 24 -14.78 -12.83 -9.40
N GLN B 25 -13.63 -12.41 -9.91
CA GLN B 25 -12.55 -13.35 -10.19
C GLN B 25 -12.11 -14.08 -8.94
N HIS B 26 -11.99 -13.35 -7.84
CA HIS B 26 -11.57 -13.94 -6.57
C HIS B 26 -12.62 -14.96 -6.11
N LEU B 27 -13.89 -14.70 -6.41
CA LEU B 27 -14.93 -15.64 -6.03
C LEU B 27 -14.78 -16.89 -6.89
N LEU B 28 -14.48 -16.68 -8.17
CA LEU B 28 -14.32 -17.78 -9.11
C LEU B 28 -13.14 -18.66 -8.76
N ASP B 29 -12.12 -18.08 -8.15
CA ASP B 29 -10.94 -18.86 -7.78
C ASP B 29 -11.03 -19.53 -6.41
N LEU B 30 -12.11 -19.26 -5.68
CA LEU B 30 -12.26 -19.87 -4.36
C LEU B 30 -12.36 -21.39 -4.43
N VAL B 31 -11.86 -22.05 -3.39
CA VAL B 31 -11.88 -23.51 -3.29
C VAL B 31 -12.63 -23.93 -2.04
N PRO B 32 -13.82 -24.52 -2.20
CA PRO B 32 -14.67 -24.98 -1.09
C PRO B 32 -13.89 -25.73 0.01
N ALA B 37 -7.99 -19.28 4.32
CA ALA B 37 -8.47 -18.07 4.99
C ALA B 37 -8.07 -16.81 4.23
N GLU B 38 -6.80 -16.73 3.83
CA GLU B 38 -6.33 -15.57 3.10
C GLU B 38 -7.10 -15.47 1.80
N GLN B 39 -7.64 -16.58 1.33
CA GLN B 39 -8.38 -16.56 0.08
C GLN B 39 -9.60 -15.64 0.15
N LEU B 40 -10.08 -15.35 1.35
CA LEU B 40 -11.22 -14.47 1.51
C LEU B 40 -10.85 -12.98 1.63
N ASN B 41 -9.60 -12.69 1.98
CA ASN B 41 -9.12 -11.31 2.17
C ASN B 41 -9.46 -10.30 1.08
N ALA B 42 -9.06 -10.60 -0.14
CA ALA B 42 -9.33 -9.70 -1.26
C ALA B 42 -10.81 -9.38 -1.37
N ILE B 43 -11.64 -10.38 -1.17
CA ILE B 43 -13.09 -10.21 -1.26
C ILE B 43 -13.63 -9.28 -0.17
N PHE B 44 -13.17 -9.46 1.07
CA PHE B 44 -13.58 -8.61 2.19
C PHE B 44 -13.15 -7.18 1.93
N ARG B 45 -11.89 -7.03 1.54
CA ARG B 45 -11.29 -5.75 1.23
C ARG B 45 -12.17 -5.02 0.22
N ALA B 46 -12.54 -5.70 -0.87
CA ALA B 46 -13.38 -5.08 -1.91
C ALA B 46 -14.75 -4.69 -1.34
N ALA B 47 -15.40 -5.59 -0.62
CA ALA B 47 -16.70 -5.30 -0.02
C ALA B 47 -16.59 -4.09 0.92
N HIS B 48 -15.58 -4.09 1.77
CA HIS B 48 -15.37 -2.99 2.71
C HIS B 48 -15.33 -1.65 1.98
N SER B 49 -14.50 -1.57 0.95
CA SER B 49 -14.38 -0.32 0.18
C SER B 49 -15.70 0.06 -0.49
N ILE B 50 -16.39 -0.93 -1.07
CA ILE B 50 -17.66 -0.65 -1.73
C ILE B 50 -18.70 -0.12 -0.74
N LYS B 51 -18.79 -0.77 0.42
CA LYS B 51 -19.74 -0.35 1.45
C LYS B 51 -19.41 1.03 1.98
N GLY B 52 -18.11 1.29 2.15
CA GLY B 52 -17.69 2.58 2.66
C GLY B 52 -18.16 3.69 1.74
N GLY B 53 -17.83 3.58 0.46
CA GLY B 53 -18.27 4.59 -0.48
C GLY B 53 -19.79 4.67 -0.58
N ALA B 54 -20.46 3.52 -0.49
CA ALA B 54 -21.93 3.51 -0.57
C ALA B 54 -22.50 4.32 0.59
N GLY B 55 -21.90 4.18 1.78
CA GLY B 55 -22.37 4.93 2.93
C GLY B 55 -22.07 6.42 2.79
N THR B 56 -20.89 6.76 2.24
CA THR B 56 -20.53 8.17 2.08
C THR B 56 -21.52 8.88 1.16
N PHE B 57 -21.93 8.21 0.09
CA PHE B 57 -22.84 8.82 -0.86
C PHE B 57 -24.32 8.48 -0.71
N GLY B 58 -24.67 7.83 0.40
CA GLY B 58 -26.07 7.51 0.64
C GLY B 58 -26.73 6.52 -0.30
N PHE B 59 -25.96 5.57 -0.84
CA PHE B 59 -26.48 4.53 -1.71
C PHE B 59 -26.98 3.38 -0.79
N THR B 60 -28.08 3.69 -0.09
CA THR B 60 -28.71 2.78 0.86
C THR B 60 -28.76 1.32 0.44
N ILE B 61 -29.39 1.08 -0.71
CA ILE B 61 -29.52 -0.26 -1.23
C ILE B 61 -28.20 -0.99 -1.41
N LEU B 62 -27.23 -0.34 -2.04
CA LEU B 62 -25.93 -0.99 -2.23
C LEU B 62 -25.24 -1.17 -0.88
N GLN B 63 -25.37 -0.18 0.01
CA GLN B 63 -24.71 -0.30 1.30
C GLN B 63 -25.22 -1.48 2.13
N GLU B 64 -26.54 -1.64 2.20
CA GLU B 64 -27.14 -2.72 2.97
C GLU B 64 -26.85 -4.07 2.35
N THR B 65 -26.89 -4.11 1.03
CA THR B 65 -26.64 -5.36 0.33
C THR B 65 -25.23 -5.82 0.63
N THR B 66 -24.28 -4.89 0.53
CA THR B 66 -22.88 -5.22 0.78
C THR B 66 -22.65 -5.65 2.23
N HIS B 67 -23.34 -5.00 3.16
CA HIS B 67 -23.24 -5.32 4.58
C HIS B 67 -23.68 -6.75 4.85
N LEU B 68 -24.80 -7.16 4.25
CA LEU B 68 -25.26 -8.52 4.50
C LEU B 68 -24.34 -9.56 3.87
N MSE B 69 -23.67 -9.18 2.78
CA MSE B 69 -22.73 -10.09 2.15
C MSE B 69 -21.56 -10.26 3.11
O MSE B 69 -21.09 -11.37 3.35
CB MSE B 69 -22.20 -9.55 0.82
CG MSE B 69 -21.28 -10.53 0.14
SE MSE B 69 -20.40 -9.83 -1.42
CE MSE B 69 -21.05 -11.07 -2.72
N GLU B 70 -21.08 -9.14 3.66
CA GLU B 70 -19.98 -9.17 4.61
C GLU B 70 -20.29 -10.05 5.81
N ASN B 71 -21.51 -9.95 6.34
CA ASN B 71 -21.90 -10.77 7.48
C ASN B 71 -21.78 -12.26 7.17
N LEU B 72 -22.27 -12.69 6.00
CA LEU B 72 -22.18 -14.10 5.64
C LEU B 72 -20.71 -14.50 5.45
N LEU B 73 -19.95 -13.66 4.76
CA LEU B 73 -18.52 -13.94 4.55
C LEU B 73 -17.80 -14.10 5.88
N ASP B 74 -18.15 -13.25 6.85
CA ASP B 74 -17.52 -13.33 8.16
C ASP B 74 -17.83 -14.67 8.83
N GLU B 75 -19.02 -15.20 8.57
CA GLU B 75 -19.38 -16.49 9.15
C GLU B 75 -18.40 -17.55 8.65
N ALA B 76 -18.01 -17.42 7.38
CA ALA B 76 -17.07 -18.35 6.77
C ALA B 76 -15.66 -18.10 7.32
N ARG B 77 -15.29 -16.83 7.44
CA ARG B 77 -13.97 -16.46 7.93
C ARG B 77 -13.76 -16.94 9.37
N ARG B 78 -14.78 -16.81 10.21
CA ARG B 78 -14.68 -17.25 11.60
C ARG B 78 -14.76 -18.77 11.70
N GLY B 79 -14.91 -19.43 10.57
CA GLY B 79 -15.00 -20.88 10.57
C GLY B 79 -16.31 -21.45 11.10
N GLU B 80 -17.29 -20.58 11.33
CA GLU B 80 -18.61 -20.99 11.81
C GLU B 80 -19.49 -21.50 10.68
N MSE B 81 -18.96 -21.45 9.47
CA MSE B 81 -19.69 -21.91 8.31
C MSE B 81 -18.73 -22.49 7.28
O MSE B 81 -17.61 -22.00 7.11
CB MSE B 81 -20.46 -20.76 7.68
CG MSE B 81 -21.35 -21.19 6.54
SE MSE B 81 -22.26 -19.70 5.77
CE MSE B 81 -20.81 -19.04 4.66
N GLN B 82 -19.17 -23.53 6.61
CA GLN B 82 -18.33 -24.17 5.61
C GLN B 82 -18.69 -23.65 4.23
N LEU B 83 -17.68 -23.34 3.43
CA LEU B 83 -17.90 -22.87 2.07
C LEU B 83 -18.22 -24.06 1.20
N ASN B 84 -19.18 -23.89 0.30
CA ASN B 84 -19.55 -24.94 -0.63
C ASN B 84 -19.96 -24.21 -1.90
N THR B 85 -19.95 -24.89 -3.03
CA THR B 85 -20.30 -24.27 -4.31
C THR B 85 -21.62 -23.49 -4.32
N ASP B 86 -22.60 -23.95 -3.56
CA ASP B 86 -23.89 -23.23 -3.51
C ASP B 86 -23.73 -21.86 -2.83
N ILE B 87 -22.92 -21.80 -1.76
CA ILE B 87 -22.71 -20.52 -1.08
C ILE B 87 -21.92 -19.59 -1.99
N ILE B 88 -20.92 -20.13 -2.69
CA ILE B 88 -20.11 -19.32 -3.58
C ILE B 88 -20.98 -18.79 -4.73
N ASN B 89 -21.96 -19.57 -5.16
CA ASN B 89 -22.85 -19.13 -6.25
C ASN B 89 -23.76 -18.00 -5.76
N LEU B 90 -24.14 -18.03 -4.49
CA LEU B 90 -24.97 -16.96 -3.95
C LEU B 90 -24.11 -15.68 -3.96
N PHE B 91 -22.88 -15.80 -3.48
CA PHE B 91 -21.93 -14.67 -3.48
C PHE B 91 -21.76 -14.15 -4.90
N LEU B 92 -21.66 -15.04 -5.87
CA LEU B 92 -21.52 -14.60 -7.26
C LEU B 92 -22.79 -13.91 -7.71
N GLU B 93 -23.92 -14.37 -7.21
CA GLU B 93 -25.18 -13.74 -7.59
C GLU B 93 -25.23 -12.35 -6.95
N THR B 94 -24.76 -12.25 -5.71
CA THR B 94 -24.75 -10.97 -5.00
C THR B 94 -23.89 -9.93 -5.73
N LYS B 95 -22.75 -10.35 -6.27
CA LYS B 95 -21.88 -9.45 -7.01
C LYS B 95 -22.63 -8.92 -8.23
N ASP B 96 -23.36 -9.79 -8.93
CA ASP B 96 -24.11 -9.37 -10.10
C ASP B 96 -25.17 -8.33 -9.72
N ILE B 97 -25.90 -8.59 -8.64
CA ILE B 97 -26.93 -7.66 -8.20
C ILE B 97 -26.29 -6.36 -7.75
N MSE B 98 -25.13 -6.44 -7.08
CA MSE B 98 -24.44 -5.23 -6.63
C MSE B 98 -24.01 -4.40 -7.86
O MSE B 98 -24.09 -3.19 -7.84
CB MSE B 98 -23.21 -5.60 -5.79
CG MSE B 98 -23.57 -6.09 -4.40
SE MSE B 98 -22.08 -6.78 -3.37
CE MSE B 98 -21.11 -5.14 -3.16
N GLN B 99 -23.58 -5.09 -8.92
CA GLN B 99 -23.16 -4.41 -10.15
C GLN B 99 -24.35 -3.70 -10.79
N GLU B 100 -25.50 -4.40 -10.81
CA GLU B 100 -26.71 -3.82 -11.37
C GLU B 100 -27.11 -2.62 -10.53
N GLN B 101 -26.93 -2.71 -9.22
CA GLN B 101 -27.24 -1.59 -8.33
C GLN B 101 -26.33 -0.41 -8.70
N LEU B 102 -25.02 -0.66 -8.75
CA LEU B 102 -24.07 0.41 -9.10
C LEU B 102 -24.44 1.07 -10.43
N ASP B 103 -24.75 0.26 -11.43
CA ASP B 103 -25.11 0.82 -12.74
C ASP B 103 -26.33 1.71 -12.67
N ALA B 104 -27.32 1.32 -11.87
CA ALA B 104 -28.51 2.13 -11.72
C ALA B 104 -28.05 3.50 -11.27
N TYR B 105 -27.23 3.53 -10.22
CA TYR B 105 -26.71 4.78 -9.69
C TYR B 105 -25.94 5.59 -10.74
N LYS B 106 -25.24 4.92 -11.65
CA LYS B 106 -24.49 5.65 -12.67
C LYS B 106 -25.42 6.38 -13.65
N ASN B 107 -26.67 5.93 -13.76
CA ASN B 107 -27.63 6.55 -14.65
C ASN B 107 -28.62 7.43 -13.93
N SER B 108 -28.37 7.69 -12.65
CA SER B 108 -29.28 8.49 -11.84
C SER B 108 -30.62 7.76 -11.76
N GLU B 109 -30.58 6.44 -11.88
CA GLU B 109 -31.78 5.61 -11.80
C GLU B 109 -31.78 4.92 -10.44
N GLU B 110 -32.92 4.36 -10.08
CA GLU B 110 -33.04 3.69 -8.80
C GLU B 110 -32.78 2.20 -9.00
N PRO B 111 -32.01 1.60 -8.10
CA PRO B 111 -31.74 0.16 -8.23
C PRO B 111 -33.05 -0.65 -8.09
N ASP B 112 -32.99 -1.94 -8.41
CA ASP B 112 -34.15 -2.80 -8.36
C ASP B 112 -34.49 -3.28 -6.94
N ALA B 113 -35.68 -2.91 -6.45
CA ALA B 113 -36.10 -3.30 -5.12
C ALA B 113 -36.32 -4.82 -5.00
N ALA B 114 -36.89 -5.43 -6.02
CA ALA B 114 -37.14 -6.87 -5.98
C ALA B 114 -35.86 -7.68 -5.81
N SER B 115 -34.82 -7.35 -6.58
CA SER B 115 -33.54 -8.06 -6.49
C SER B 115 -32.93 -7.80 -5.11
N PHE B 116 -33.06 -6.57 -4.64
CA PHE B 116 -32.53 -6.16 -3.34
C PHE B 116 -33.15 -7.00 -2.22
N GLU B 117 -34.47 -7.02 -2.16
CA GLU B 117 -35.11 -7.80 -1.11
C GLU B 117 -34.80 -9.29 -1.20
N TYR B 118 -34.76 -9.81 -2.43
CA TYR B 118 -34.45 -11.23 -2.63
C TYR B 118 -33.05 -11.58 -2.11
N ILE B 119 -32.04 -10.80 -2.47
CA ILE B 119 -30.68 -11.10 -2.05
C ILE B 119 -30.43 -10.90 -0.57
N CYS B 120 -31.02 -9.85 0.01
CA CYS B 120 -30.84 -9.61 1.43
C CYS B 120 -31.45 -10.76 2.20
N ASN B 121 -32.63 -11.19 1.80
CA ASN B 121 -33.26 -12.30 2.50
C ASN B 121 -32.44 -13.57 2.37
N ALA B 122 -31.94 -13.83 1.16
CA ALA B 122 -31.13 -15.03 0.94
C ALA B 122 -29.86 -14.99 1.78
N LEU B 123 -29.19 -13.84 1.81
CA LEU B 123 -27.96 -13.69 2.58
C LEU B 123 -28.20 -13.85 4.08
N ARG B 124 -29.29 -13.25 4.56
CA ARG B 124 -29.66 -13.30 5.96
C ARG B 124 -29.94 -14.74 6.41
N GLN B 125 -30.70 -15.47 5.61
CA GLN B 125 -31.01 -16.85 5.93
C GLN B 125 -29.75 -17.66 6.16
N LEU B 126 -28.87 -17.69 5.17
CA LEU B 126 -27.62 -18.44 5.29
C LEU B 126 -26.83 -18.07 6.54
N ALA B 127 -26.66 -16.78 6.80
CA ALA B 127 -25.91 -16.35 7.97
C ALA B 127 -26.70 -16.72 9.22
N LEU B 128 -28.01 -16.82 9.05
CA LEU B 128 -28.93 -17.17 10.13
C LEU B 128 -28.66 -18.60 10.55
N GLU B 129 -28.53 -19.50 9.58
CA GLU B 129 -28.28 -20.90 9.85
C GLU B 129 -26.88 -21.08 10.45
N ALA B 130 -25.92 -20.31 9.94
CA ALA B 130 -24.54 -20.38 10.43
C ALA B 130 -24.44 -20.12 11.94
N LYS B 131 -24.66 -18.88 12.35
CA LYS B 131 -24.60 -18.53 13.77
C LYS B 131 -25.77 -19.19 14.50
N ILE C 5 -15.26 20.02 1.50
CA ILE C 5 -14.31 19.36 0.56
C ILE C 5 -13.35 18.47 1.34
N SER C 6 -12.95 18.94 2.52
CA SER C 6 -12.03 18.20 3.37
C SER C 6 -12.69 16.92 3.85
N ASP C 7 -14.01 16.84 3.67
CA ASP C 7 -14.77 15.68 4.10
C ASP C 7 -14.64 14.53 3.12
N PHE C 8 -14.07 14.80 1.95
CA PHE C 8 -13.93 13.76 0.95
C PHE C 8 -12.49 13.35 0.64
N TYR C 9 -11.54 13.81 1.46
CA TYR C 9 -10.14 13.47 1.28
C TYR C 9 -9.91 11.98 1.49
N GLN C 10 -10.37 11.47 2.64
CA GLN C 10 -10.22 10.06 2.95
C GLN C 10 -10.77 9.23 1.81
N THR C 11 -11.93 9.62 1.31
CA THR C 11 -12.58 8.90 0.22
C THR C 11 -11.75 8.88 -1.06
N PHE C 12 -11.22 10.04 -1.48
CA PHE C 12 -10.42 10.04 -2.70
C PHE C 12 -9.13 9.26 -2.46
N PHE C 13 -8.57 9.34 -1.25
CA PHE C 13 -7.35 8.58 -1.00
C PHE C 13 -7.60 7.08 -1.15
N ASP C 14 -8.74 6.61 -0.63
CA ASP C 14 -9.09 5.19 -0.72
C ASP C 14 -9.23 4.79 -2.19
N GLU C 15 -9.99 5.57 -2.94
CA GLU C 15 -10.25 5.32 -4.36
C GLU C 15 -8.98 5.36 -5.19
N ALA C 16 -8.14 6.36 -4.93
CA ALA C 16 -6.89 6.52 -5.68
C ALA C 16 -5.95 5.34 -5.46
N ASP C 17 -5.83 4.88 -4.21
CA ASP C 17 -4.98 3.72 -3.91
C ASP C 17 -5.39 2.55 -4.80
N GLU C 18 -6.70 2.28 -4.84
CA GLU C 18 -7.26 1.18 -5.61
C GLU C 18 -7.03 1.35 -7.11
N LEU C 19 -7.31 2.54 -7.61
CA LEU C 19 -7.12 2.82 -9.03
C LEU C 19 -5.65 2.71 -9.46
N LEU C 20 -4.73 3.17 -8.61
CA LEU C 20 -3.31 3.07 -8.94
C LEU C 20 -2.84 1.61 -8.95
N ALA C 21 -3.29 0.83 -7.96
CA ALA C 21 -2.91 -0.57 -7.90
C ALA C 21 -3.47 -1.35 -9.10
N ASP C 22 -4.71 -1.06 -9.46
CA ASP C 22 -5.37 -1.72 -10.59
C ASP C 22 -4.74 -1.31 -11.89
N MSE C 23 -4.36 -0.04 -11.99
CA MSE C 23 -3.76 0.46 -13.20
C MSE C 23 -2.42 -0.22 -13.43
O MSE C 23 -2.04 -0.51 -14.56
CB MSE C 23 -3.58 1.97 -13.13
CG MSE C 23 -3.19 2.61 -14.46
SE MSE C 23 -2.96 4.53 -14.28
CE MSE C 23 -1.30 4.48 -13.38
N GLU C 24 -1.69 -0.45 -12.35
CA GLU C 24 -0.39 -1.09 -12.45
C GLU C 24 -0.57 -2.55 -12.90
N GLN C 25 -1.48 -3.26 -12.25
CA GLN C 25 -1.74 -4.66 -12.55
C GLN C 25 -2.12 -4.82 -14.03
N HIS C 26 -2.98 -3.93 -14.50
CA HIS C 26 -3.41 -3.93 -15.89
C HIS C 26 -2.26 -3.64 -16.84
N LEU C 27 -1.42 -2.67 -16.48
CA LEU C 27 -0.28 -2.35 -17.34
C LEU C 27 0.63 -3.57 -17.48
N LEU C 28 0.80 -4.31 -16.39
CA LEU C 28 1.65 -5.50 -16.39
C LEU C 28 1.11 -6.64 -17.25
N ASP C 29 -0.21 -6.80 -17.24
CA ASP C 29 -0.83 -7.88 -18.02
C ASP C 29 -1.14 -7.50 -19.46
N LEU C 30 -0.74 -6.30 -19.85
CA LEU C 30 -0.99 -5.82 -21.20
C LEU C 30 0.06 -6.32 -22.20
N VAL C 31 -0.36 -6.57 -23.44
CA VAL C 31 0.53 -7.03 -24.51
C VAL C 31 0.76 -5.81 -25.40
N PRO C 32 1.85 -5.09 -25.17
CA PRO C 32 2.21 -3.87 -25.89
C PRO C 32 2.00 -3.85 -27.41
N GLU C 33 2.58 -4.82 -28.12
CA GLU C 33 2.46 -4.88 -29.57
C GLU C 33 1.16 -5.49 -30.10
N SER C 34 0.24 -5.80 -29.18
CA SER C 34 -1.08 -6.37 -29.52
C SER C 34 -2.00 -6.16 -28.31
N PRO C 35 -2.14 -4.90 -27.87
CA PRO C 35 -2.97 -4.53 -26.72
C PRO C 35 -4.48 -4.81 -26.80
N ASP C 36 -5.00 -5.42 -25.74
CA ASP C 36 -6.42 -5.74 -25.67
C ASP C 36 -7.21 -4.44 -25.47
N ALA C 37 -8.07 -4.12 -26.44
CA ALA C 37 -8.87 -2.90 -26.38
C ALA C 37 -9.49 -2.57 -25.04
N GLU C 38 -10.15 -3.55 -24.42
CA GLU C 38 -10.78 -3.30 -23.13
C GLU C 38 -9.78 -3.11 -21.99
N GLN C 39 -8.65 -3.81 -22.04
CA GLN C 39 -7.63 -3.66 -21.00
C GLN C 39 -7.12 -2.23 -21.10
N LEU C 40 -6.90 -1.77 -22.32
CA LEU C 40 -6.42 -0.43 -22.54
C LEU C 40 -7.45 0.57 -22.00
N ASN C 41 -8.74 0.29 -22.25
CA ASN C 41 -9.83 1.16 -21.77
C ASN C 41 -9.81 1.29 -20.25
N ALA C 42 -9.65 0.16 -19.58
CA ALA C 42 -9.61 0.12 -18.12
C ALA C 42 -8.45 0.95 -17.56
N ILE C 43 -7.33 0.96 -18.27
CA ILE C 43 -6.16 1.73 -17.83
C ILE C 43 -6.45 3.21 -18.03
N PHE C 44 -6.99 3.55 -19.20
CA PHE C 44 -7.32 4.93 -19.51
C PHE C 44 -8.32 5.46 -18.49
N ARG C 45 -9.36 4.69 -18.23
CA ARG C 45 -10.39 5.06 -17.26
C ARG C 45 -9.81 5.34 -15.87
N ALA C 46 -8.93 4.46 -15.41
CA ALA C 46 -8.33 4.69 -14.09
C ALA C 46 -7.59 6.04 -14.07
N ALA C 47 -6.76 6.30 -15.07
CA ALA C 47 -6.01 7.56 -15.14
C ALA C 47 -6.95 8.75 -15.22
N HIS C 48 -7.97 8.62 -16.07
CA HIS C 48 -8.96 9.68 -16.24
C HIS C 48 -9.63 9.97 -14.90
N SER C 49 -9.98 8.91 -14.17
CA SER C 49 -10.64 9.08 -12.88
C SER C 49 -9.72 9.78 -11.86
N ILE C 50 -8.44 9.43 -11.88
CA ILE C 50 -7.45 10.02 -10.98
C ILE C 50 -7.30 11.51 -11.31
N LYS C 51 -7.16 11.81 -12.60
CA LYS C 51 -7.00 13.18 -13.06
C LYS C 51 -8.12 14.10 -12.57
N GLY C 52 -9.36 13.66 -12.74
CA GLY C 52 -10.50 14.46 -12.30
C GLY C 52 -10.49 14.69 -10.81
N GLY C 53 -10.20 13.64 -10.05
CA GLY C 53 -10.16 13.79 -8.61
C GLY C 53 -9.07 14.77 -8.21
N ALA C 54 -7.89 14.63 -8.81
CA ALA C 54 -6.79 15.53 -8.50
C ALA C 54 -7.21 16.97 -8.79
N GLY C 55 -7.92 17.15 -9.89
CA GLY C 55 -8.38 18.48 -10.25
C GLY C 55 -9.30 19.03 -9.19
N THR C 56 -10.20 18.17 -8.70
CA THR C 56 -11.14 18.57 -7.67
C THR C 56 -10.50 18.98 -6.35
N PHE C 57 -9.49 18.25 -5.88
CA PHE C 57 -8.87 18.60 -4.60
C PHE C 57 -7.73 19.61 -4.70
N GLY C 58 -7.43 20.06 -5.90
CA GLY C 58 -6.37 21.04 -6.07
C GLY C 58 -4.98 20.43 -6.01
N PHE C 59 -4.88 19.16 -6.39
CA PHE C 59 -3.60 18.46 -6.40
C PHE C 59 -2.98 18.73 -7.78
N THR C 60 -2.47 19.96 -7.94
CA THR C 60 -1.88 20.41 -9.20
C THR C 60 -0.89 19.47 -9.85
N ILE C 61 0.12 19.07 -9.09
CA ILE C 61 1.16 18.20 -9.63
C ILE C 61 0.66 16.83 -10.07
N LEU C 62 -0.19 16.20 -9.27
CA LEU C 62 -0.72 14.89 -9.64
C LEU C 62 -1.63 15.04 -10.86
N GLN C 63 -2.42 16.10 -10.87
CA GLN C 63 -3.34 16.32 -11.98
C GLN C 63 -2.62 16.50 -13.31
N GLU C 64 -1.60 17.36 -13.35
CA GLU C 64 -0.87 17.60 -14.59
C GLU C 64 -0.15 16.33 -15.01
N THR C 65 0.51 15.66 -14.07
CA THR C 65 1.22 14.41 -14.37
C THR C 65 0.27 13.37 -14.97
N THR C 66 -0.91 13.23 -14.39
CA THR C 66 -1.88 12.25 -14.87
C THR C 66 -2.48 12.64 -16.21
N HIS C 67 -2.70 13.94 -16.41
CA HIS C 67 -3.23 14.46 -17.66
C HIS C 67 -2.33 14.07 -18.82
N LEU C 68 -1.02 14.29 -18.64
CA LEU C 68 -0.06 13.96 -19.70
C LEU C 68 0.00 12.45 -19.98
N MSE C 69 -0.19 11.63 -18.94
CA MSE C 69 -0.16 10.19 -19.17
C MSE C 69 -1.47 9.80 -19.86
O MSE C 69 -1.47 8.95 -20.75
CB MSE C 69 -0.02 9.42 -17.86
CG MSE C 69 0.17 7.93 -18.09
SE MSE C 69 0.05 6.91 -16.43
CE MSE C 69 0.41 5.16 -17.17
N GLU C 70 -2.57 10.41 -19.43
CA GLU C 70 -3.86 10.14 -20.05
C GLU C 70 -3.83 10.52 -21.53
N ASN C 71 -3.19 11.65 -21.84
CA ASN C 71 -3.05 12.08 -23.22
C ASN C 71 -2.51 10.94 -24.08
N LEU C 72 -1.45 10.31 -23.59
CA LEU C 72 -0.81 9.22 -24.30
C LEU C 72 -1.68 7.97 -24.39
N LEU C 73 -2.32 7.62 -23.28
CA LEU C 73 -3.19 6.44 -23.27
C LEU C 73 -4.30 6.59 -24.28
N ASP C 74 -4.82 7.80 -24.43
CA ASP C 74 -5.89 8.03 -25.39
C ASP C 74 -5.37 7.72 -26.79
N GLU C 75 -4.24 8.33 -27.14
CA GLU C 75 -3.65 8.10 -28.45
C GLU C 75 -3.47 6.61 -28.68
N ALA C 76 -3.20 5.87 -27.61
CA ALA C 76 -3.01 4.44 -27.72
C ALA C 76 -4.31 3.71 -28.06
N ARG C 77 -5.32 3.85 -27.22
CA ARG C 77 -6.59 3.17 -27.47
C ARG C 77 -7.23 3.70 -28.76
N ARG C 78 -6.84 4.90 -29.14
CA ARG C 78 -7.35 5.51 -30.35
C ARG C 78 -6.67 4.80 -31.50
N GLY C 79 -5.36 5.03 -31.62
CA GLY C 79 -4.58 4.40 -32.67
C GLY C 79 -3.45 5.29 -33.15
N GLU C 80 -3.43 6.52 -32.65
CA GLU C 80 -2.39 7.48 -33.02
C GLU C 80 -0.99 6.91 -32.85
N MSE C 81 -0.74 6.17 -31.78
CA MSE C 81 0.59 5.58 -31.57
C MSE C 81 0.52 4.13 -31.11
O MSE C 81 -0.52 3.64 -30.66
CB MSE C 81 1.39 6.39 -30.54
CG MSE C 81 0.86 6.32 -29.10
SE MSE C 81 2.18 6.85 -27.74
CE MSE C 81 1.39 5.91 -26.26
N GLN C 82 1.65 3.43 -31.23
CA GLN C 82 1.72 2.05 -30.81
C GLN C 82 2.49 1.93 -29.51
N LEU C 83 2.29 0.81 -28.81
CA LEU C 83 2.96 0.56 -27.54
C LEU C 83 4.05 -0.48 -27.69
N ASN C 84 4.89 -0.58 -26.66
CA ASN C 84 5.99 -1.54 -26.62
C ASN C 84 6.36 -1.72 -25.15
N THR C 85 7.48 -2.39 -24.89
CA THR C 85 7.89 -2.60 -23.50
C THR C 85 8.44 -1.34 -22.84
N ASP C 86 9.13 -0.50 -23.62
CA ASP C 86 9.71 0.73 -23.08
C ASP C 86 8.66 1.75 -22.73
N ILE C 87 7.61 1.83 -23.54
CA ILE C 87 6.53 2.77 -23.27
C ILE C 87 5.76 2.28 -22.06
N ILE C 88 5.58 0.96 -21.95
CA ILE C 88 4.89 0.37 -20.82
C ILE C 88 5.72 0.60 -19.56
N ASN C 89 7.05 0.53 -19.71
CA ASN C 89 7.93 0.74 -18.58
C ASN C 89 7.86 2.18 -18.09
N LEU C 90 7.66 3.13 -18.99
CA LEU C 90 7.55 4.52 -18.62
C LEU C 90 6.22 4.75 -17.89
N PHE C 91 5.19 4.04 -18.34
CA PHE C 91 3.87 4.17 -17.73
C PHE C 91 3.92 3.64 -16.30
N LEU C 92 4.66 2.55 -16.09
CA LEU C 92 4.80 1.96 -14.77
C LEU C 92 5.61 2.89 -13.88
N GLU C 93 6.64 3.53 -14.46
CA GLU C 93 7.46 4.49 -13.72
C GLU C 93 6.60 5.67 -13.30
N THR C 94 5.75 6.12 -14.22
CA THR C 94 4.84 7.24 -13.98
C THR C 94 3.90 6.88 -12.82
N LYS C 95 3.41 5.64 -12.82
CA LYS C 95 2.52 5.19 -11.77
C LYS C 95 3.21 5.27 -10.40
N ASP C 96 4.49 4.93 -10.37
CA ASP C 96 5.24 4.98 -9.11
C ASP C 96 5.38 6.42 -8.65
N ILE C 97 5.69 7.30 -9.59
CA ILE C 97 5.83 8.72 -9.28
C ILE C 97 4.48 9.26 -8.79
N MSE C 98 3.40 8.84 -9.46
CA MSE C 98 2.06 9.27 -9.08
C MSE C 98 1.69 8.78 -7.68
O MSE C 98 1.09 9.51 -6.90
CB MSE C 98 1.02 8.75 -10.10
CG MSE C 98 0.90 9.58 -11.37
SE MSE C 98 0.02 8.59 -12.81
CE MSE C 98 -1.70 8.32 -11.97
N GLN C 99 2.05 7.54 -7.37
CA GLN C 99 1.77 6.99 -6.03
C GLN C 99 2.50 7.82 -4.98
N GLU C 100 3.73 8.20 -5.27
CA GLU C 100 4.50 9.02 -4.33
C GLU C 100 3.90 10.42 -4.21
N GLN C 101 3.38 10.96 -5.32
CA GLN C 101 2.76 12.28 -5.27
C GLN C 101 1.54 12.17 -4.35
N LEU C 102 0.72 11.15 -4.55
CA LEU C 102 -0.48 10.95 -3.73
C LEU C 102 -0.12 10.84 -2.24
N ASP C 103 0.87 10.01 -1.94
CA ASP C 103 1.29 9.81 -0.56
C ASP C 103 1.76 11.13 0.10
N ALA C 104 2.32 12.03 -0.71
CA ALA C 104 2.77 13.31 -0.18
C ALA C 104 1.56 14.11 0.28
N TYR C 105 0.49 14.12 -0.53
CA TYR C 105 -0.70 14.86 -0.15
C TYR C 105 -1.33 14.22 1.09
N LYS C 106 -1.28 12.91 1.21
CA LYS C 106 -1.85 12.22 2.38
C LYS C 106 -1.14 12.70 3.64
N ASN C 107 0.14 12.99 3.52
CA ASN C 107 0.91 13.46 4.67
C ASN C 107 1.00 14.99 4.72
N SER C 108 0.09 15.66 4.03
CA SER C 108 0.05 17.13 3.97
C SER C 108 1.40 17.67 3.56
N GLU C 109 2.07 16.92 2.69
CA GLU C 109 3.39 17.25 2.17
C GLU C 109 3.23 17.71 0.73
N GLU C 110 4.27 18.33 0.18
CA GLU C 110 4.21 18.75 -1.20
C GLU C 110 4.91 17.66 -2.00
N PRO C 111 4.39 17.32 -3.18
CA PRO C 111 5.04 16.28 -3.97
C PRO C 111 6.42 16.75 -4.45
N ASP C 112 7.25 15.81 -4.91
CA ASP C 112 8.60 16.10 -5.38
C ASP C 112 8.64 16.85 -6.72
N ALA C 113 9.14 18.09 -6.70
CA ALA C 113 9.23 18.90 -7.92
C ALA C 113 10.14 18.28 -8.97
N ALA C 114 11.24 17.67 -8.53
CA ALA C 114 12.20 17.06 -9.46
C ALA C 114 11.59 15.98 -10.37
N SER C 115 11.01 14.95 -9.78
CA SER C 115 10.39 13.87 -10.56
C SER C 115 9.21 14.38 -11.36
N PHE C 116 8.50 15.38 -10.82
CA PHE C 116 7.36 15.96 -11.52
C PHE C 116 7.80 16.51 -12.87
N GLU C 117 8.82 17.37 -12.87
CA GLU C 117 9.28 17.95 -14.12
C GLU C 117 9.91 16.89 -15.00
N TYR C 118 10.66 15.97 -14.40
CA TYR C 118 11.28 14.92 -15.21
C TYR C 118 10.24 14.07 -15.95
N ILE C 119 9.22 13.63 -15.23
CA ILE C 119 8.20 12.78 -15.84
C ILE C 119 7.34 13.52 -16.86
N CYS C 120 7.02 14.80 -16.61
CA CYS C 120 6.21 15.54 -17.56
C CYS C 120 6.98 15.76 -18.86
N ASN C 121 8.30 15.96 -18.75
CA ASN C 121 9.10 16.11 -19.96
C ASN C 121 9.18 14.77 -20.68
N ALA C 122 9.35 13.69 -19.93
CA ALA C 122 9.44 12.38 -20.57
C ALA C 122 8.13 12.00 -21.29
N LEU C 123 7.00 12.32 -20.68
CA LEU C 123 5.72 11.99 -21.30
C LEU C 123 5.47 12.90 -22.50
N ARG C 124 5.93 14.14 -22.41
CA ARG C 124 5.74 15.07 -23.53
C ARG C 124 6.61 14.70 -24.72
N GLN C 125 7.83 14.25 -24.45
CA GLN C 125 8.73 13.85 -25.53
C GLN C 125 8.15 12.64 -26.26
N LEU C 126 7.61 11.70 -25.49
CA LEU C 126 7.03 10.50 -26.09
C LEU C 126 5.89 10.89 -27.00
N ALA C 127 5.12 11.90 -26.61
CA ALA C 127 4.01 12.36 -27.43
C ALA C 127 4.51 12.90 -28.76
N LEU C 128 5.75 13.39 -28.79
CA LEU C 128 6.31 13.91 -30.02
C LEU C 128 6.67 12.78 -30.97
N GLU C 129 7.42 11.81 -30.48
CA GLU C 129 7.80 10.66 -31.29
C GLU C 129 6.55 10.06 -31.95
N ILE D 5 8.19 18.04 19.94
CA ILE D 5 9.24 17.25 19.24
C ILE D 5 10.16 16.55 20.24
N SER D 6 10.42 17.24 21.34
CA SER D 6 11.30 16.74 22.39
C SER D 6 11.11 15.26 22.77
N ASP D 7 9.87 14.85 22.92
CA ASP D 7 9.57 13.46 23.31
C ASP D 7 9.59 12.43 22.17
N PHE D 8 9.57 12.91 20.94
CA PHE D 8 9.56 12.02 19.79
C PHE D 8 10.94 11.68 19.23
N TYR D 9 11.99 12.10 19.91
CA TYR D 9 13.36 11.82 19.45
C TYR D 9 13.62 10.32 19.42
N GLN D 10 13.32 9.65 20.53
CA GLN D 10 13.54 8.22 20.63
C GLN D 10 12.74 7.43 19.61
N THR D 11 11.52 7.87 19.33
CA THR D 11 10.67 7.17 18.36
C THR D 11 11.31 7.23 16.97
N PHE D 12 11.79 8.40 16.60
CA PHE D 12 12.42 8.59 15.29
C PHE D 12 13.69 7.77 15.15
N PHE D 13 14.57 7.82 16.16
CA PHE D 13 15.82 7.07 16.11
C PHE D 13 15.56 5.56 16.01
N ASP D 14 14.54 5.07 16.70
CA ASP D 14 14.22 3.65 16.64
C ASP D 14 13.72 3.34 15.22
N GLU D 15 12.75 4.14 14.78
CA GLU D 15 12.19 3.95 13.44
C GLU D 15 13.26 4.09 12.36
N ALA D 16 14.11 5.11 12.44
CA ALA D 16 15.16 5.30 11.42
C ALA D 16 16.12 4.11 11.46
N ASP D 17 16.46 3.63 12.66
CA ASP D 17 17.36 2.48 12.77
C ASP D 17 16.82 1.29 11.98
N GLU D 18 15.51 1.04 12.12
CA GLU D 18 14.90 -0.10 11.41
C GLU D 18 14.87 0.15 9.91
N LEU D 19 14.53 1.36 9.52
CA LEU D 19 14.49 1.70 8.10
C LEU D 19 15.86 1.48 7.47
N LEU D 20 16.91 1.85 8.18
CA LEU D 20 18.27 1.66 7.66
C LEU D 20 18.62 0.19 7.58
N ALA D 21 18.20 -0.60 8.56
CA ALA D 21 18.51 -2.03 8.51
C ALA D 21 17.80 -2.60 7.29
N ASP D 22 16.53 -2.23 7.10
CA ASP D 22 15.78 -2.75 5.96
C ASP D 22 16.37 -2.24 4.65
N MSE D 23 16.80 -0.98 4.61
CA MSE D 23 17.39 -0.43 3.40
C MSE D 23 18.63 -1.24 3.02
O MSE D 23 18.84 -1.54 1.85
CB MSE D 23 17.80 1.04 3.61
CG MSE D 23 18.68 1.61 2.49
SE MSE D 23 19.27 3.48 2.82
CE MSE D 23 17.59 4.31 2.79
N GLU D 24 19.43 -1.57 4.02
CA GLU D 24 20.65 -2.34 3.78
C GLU D 24 20.38 -3.67 3.08
N GLN D 25 19.42 -4.43 3.59
CA GLN D 25 19.06 -5.72 2.98
C GLN D 25 18.57 -5.53 1.56
N HIS D 26 17.79 -4.48 1.32
CA HIS D 26 17.28 -4.23 -0.02
C HIS D 26 18.47 -4.00 -0.97
N LEU D 27 19.44 -3.23 -0.51
CA LEU D 27 20.61 -2.93 -1.32
C LEU D 27 21.39 -4.21 -1.63
N LEU D 28 21.51 -5.09 -0.64
CA LEU D 28 22.23 -6.35 -0.81
C LEU D 28 21.48 -7.32 -1.71
N ASP D 29 20.16 -7.17 -1.78
CA ASP D 29 19.32 -8.03 -2.60
C ASP D 29 19.27 -7.59 -4.06
N LEU D 30 19.72 -6.36 -4.33
CA LEU D 30 19.71 -5.84 -5.68
C LEU D 30 20.61 -6.59 -6.67
N VAL D 31 20.10 -6.76 -7.89
CA VAL D 31 20.83 -7.41 -8.97
C VAL D 31 21.29 -6.29 -9.89
N PRO D 32 22.60 -5.98 -9.89
CA PRO D 32 23.21 -4.92 -10.69
C PRO D 32 22.73 -4.81 -12.14
N GLU D 33 22.80 -5.91 -12.88
CA GLU D 33 22.40 -5.92 -14.30
C GLU D 33 20.94 -5.57 -14.56
N SER D 34 20.07 -5.89 -13.61
CA SER D 34 18.64 -5.63 -13.76
C SER D 34 17.97 -5.38 -12.42
N PRO D 35 18.15 -4.19 -11.84
CA PRO D 35 17.55 -3.84 -10.55
C PRO D 35 16.03 -3.87 -10.56
N ASP D 36 15.45 -4.53 -9.56
CA ASP D 36 14.01 -4.61 -9.45
C ASP D 36 13.49 -3.23 -9.06
N ALA D 37 12.53 -2.73 -9.81
CA ALA D 37 11.97 -1.41 -9.55
C ALA D 37 11.39 -1.28 -8.15
N GLU D 38 10.72 -2.33 -7.68
CA GLU D 38 10.11 -2.28 -6.35
C GLU D 38 11.17 -2.25 -5.24
N GLN D 39 12.32 -2.84 -5.48
CA GLN D 39 13.39 -2.80 -4.48
C GLN D 39 13.90 -1.37 -4.40
N LEU D 40 14.19 -0.78 -5.55
CA LEU D 40 14.65 0.60 -5.60
C LEU D 40 13.64 1.54 -4.99
N ASN D 41 12.34 1.30 -5.22
CA ASN D 41 11.30 2.16 -4.66
C ASN D 41 11.33 2.10 -3.15
N ALA D 42 11.53 0.90 -2.61
CA ALA D 42 11.58 0.68 -1.16
C ALA D 42 12.78 1.40 -0.55
N ILE D 43 13.90 1.35 -1.24
CA ILE D 43 15.12 2.01 -0.75
C ILE D 43 14.92 3.52 -0.79
N PHE D 44 14.35 4.00 -1.89
CA PHE D 44 14.08 5.41 -2.04
C PHE D 44 13.11 5.90 -0.97
N ARG D 45 12.07 5.12 -0.72
CA ARG D 45 11.07 5.50 0.28
C ARG D 45 11.68 5.61 1.68
N ALA D 46 12.56 4.66 2.00
CA ALA D 46 13.22 4.67 3.30
C ALA D 46 14.05 5.93 3.42
N ALA D 47 14.84 6.23 2.39
CA ALA D 47 15.66 7.43 2.38
C ALA D 47 14.77 8.68 2.49
N HIS D 48 13.65 8.67 1.77
CA HIS D 48 12.73 9.83 1.79
C HIS D 48 12.13 10.07 3.18
N SER D 49 11.73 8.99 3.86
CA SER D 49 11.14 9.12 5.21
C SER D 49 12.13 9.69 6.21
N ILE D 50 13.36 9.19 6.16
CA ILE D 50 14.41 9.64 7.06
C ILE D 50 14.72 11.12 6.77
N LYS D 51 14.76 11.50 5.49
CA LYS D 51 15.03 12.89 5.14
C LYS D 51 13.96 13.77 5.79
N GLY D 52 12.71 13.30 5.76
CA GLY D 52 11.61 14.06 6.35
C GLY D 52 11.79 14.28 7.84
N GLY D 53 12.13 13.21 8.56
CA GLY D 53 12.35 13.35 9.98
C GLY D 53 13.55 14.26 10.22
N ALA D 54 14.57 14.11 9.37
CA ALA D 54 15.77 14.93 9.48
C ALA D 54 15.37 16.40 9.46
N GLY D 55 14.51 16.77 8.50
CA GLY D 55 14.03 18.14 8.40
C GLY D 55 13.22 18.57 9.62
N THR D 56 12.36 17.69 10.11
CA THR D 56 11.53 17.98 11.28
C THR D 56 12.41 18.31 12.49
N PHE D 57 13.44 17.50 12.72
CA PHE D 57 14.35 17.70 13.85
C PHE D 57 15.55 18.60 13.61
N GLY D 58 15.68 19.17 12.43
CA GLY D 58 16.81 20.05 12.16
C GLY D 58 18.14 19.33 12.03
N PHE D 59 18.12 18.07 11.60
CA PHE D 59 19.35 17.30 11.42
C PHE D 59 19.89 17.65 10.03
N THR D 60 20.55 18.81 9.94
CA THR D 60 21.05 19.32 8.67
C THR D 60 21.90 18.35 7.86
N ILE D 61 22.90 17.78 8.51
CA ILE D 61 23.79 16.86 7.83
C ILE D 61 23.07 15.61 7.30
N LEU D 62 22.17 15.05 8.10
CA LEU D 62 21.45 13.85 7.65
C LEU D 62 20.47 14.23 6.56
N GLN D 63 19.85 15.40 6.65
CA GLN D 63 18.90 15.79 5.61
C GLN D 63 19.56 15.95 4.23
N GLU D 64 20.68 16.64 4.17
CA GLU D 64 21.37 16.82 2.90
C GLU D 64 21.92 15.52 2.35
N THR D 65 22.50 14.71 3.24
CA THR D 65 23.03 13.42 2.81
C THR D 65 21.94 12.55 2.19
N THR D 66 20.79 12.48 2.85
CA THR D 66 19.70 11.65 2.33
C THR D 66 19.15 12.24 1.02
N HIS D 67 19.11 13.57 0.93
CA HIS D 67 18.62 14.23 -0.28
C HIS D 67 19.48 13.85 -1.49
N LEU D 68 20.79 13.89 -1.30
CA LEU D 68 21.72 13.54 -2.37
C LEU D 68 21.62 12.06 -2.76
N MSE D 69 21.30 11.20 -1.79
CA MSE D 69 21.16 9.78 -2.09
C MSE D 69 19.88 9.59 -2.91
O MSE D 69 19.84 8.78 -3.81
CB MSE D 69 21.08 8.94 -0.83
CG MSE D 69 21.00 7.43 -1.12
SE MSE D 69 20.59 6.37 0.45
CE MSE D 69 21.35 4.70 -0.18
N GLU D 70 18.85 10.36 -2.58
CA GLU D 70 17.60 10.30 -3.35
C GLU D 70 17.87 10.70 -4.78
N ASN D 71 18.63 11.79 -4.95
CA ASN D 71 18.96 12.27 -6.28
C ASN D 71 19.63 11.17 -7.09
N LEU D 72 20.58 10.46 -6.48
CA LEU D 72 21.28 9.39 -7.19
C LEU D 72 20.39 8.17 -7.42
N LEU D 73 19.57 7.83 -6.43
CA LEU D 73 18.68 6.70 -6.60
C LEU D 73 17.72 6.98 -7.74
N ASP D 74 17.25 8.22 -7.86
CA ASP D 74 16.32 8.57 -8.93
C ASP D 74 16.96 8.42 -10.30
N GLU D 75 18.26 8.67 -10.40
CA GLU D 75 18.94 8.50 -11.68
C GLU D 75 18.81 7.05 -12.11
N ALA D 76 18.83 6.15 -11.14
CA ALA D 76 18.70 4.73 -11.42
C ALA D 76 17.24 4.34 -11.69
N ARG D 77 16.29 4.94 -10.96
CA ARG D 77 14.88 4.61 -11.16
C ARG D 77 14.41 5.08 -12.54
N ARG D 78 14.98 6.18 -12.99
CA ARG D 78 14.64 6.76 -14.28
C ARG D 78 15.37 6.07 -15.43
N GLY D 79 16.32 5.20 -15.11
CA GLY D 79 17.03 4.52 -16.16
C GLY D 79 18.09 5.35 -16.86
N GLU D 80 18.49 6.46 -16.25
CA GLU D 80 19.52 7.30 -16.86
C GLU D 80 20.89 6.84 -16.37
N MSE D 81 20.88 5.90 -15.43
CA MSE D 81 22.13 5.37 -14.87
C MSE D 81 22.02 3.88 -14.59
O MSE D 81 21.13 3.44 -13.87
CB MSE D 81 22.48 6.10 -13.57
CG MSE D 81 23.75 5.60 -12.94
SE MSE D 81 24.17 6.41 -11.24
CE MSE D 81 23.19 5.20 -10.12
N GLN D 82 22.94 3.12 -15.15
CA GLN D 82 22.95 1.68 -14.94
C GLN D 82 23.65 1.36 -13.63
N LEU D 83 23.06 0.49 -12.83
CA LEU D 83 23.66 0.12 -11.57
C LEU D 83 24.80 -0.87 -11.81
N ASN D 84 25.77 -0.86 -10.91
CA ASN D 84 26.88 -1.80 -10.96
C ASN D 84 27.27 -2.00 -9.50
N THR D 85 28.14 -2.97 -9.24
CA THR D 85 28.55 -3.24 -7.86
C THR D 85 29.16 -2.01 -7.19
N ASP D 86 29.95 -1.24 -7.94
CA ASP D 86 30.55 -0.05 -7.38
C ASP D 86 29.52 0.95 -6.88
N ILE D 87 28.45 1.14 -7.64
CA ILE D 87 27.40 2.08 -7.26
C ILE D 87 26.61 1.53 -6.08
N ILE D 88 26.40 0.23 -6.07
CA ILE D 88 25.67 -0.39 -4.98
C ILE D 88 26.51 -0.29 -3.71
N ASN D 89 27.83 -0.37 -3.85
CA ASN D 89 28.70 -0.25 -2.69
C ASN D 89 28.70 1.18 -2.16
N LEU D 90 28.57 2.15 -3.06
CA LEU D 90 28.51 3.55 -2.63
C LEU D 90 27.21 3.76 -1.84
N PHE D 91 26.12 3.14 -2.30
CA PHE D 91 24.85 3.25 -1.62
C PHE D 91 24.96 2.64 -0.22
N LEU D 92 25.62 1.49 -0.13
CA LEU D 92 25.81 0.80 1.14
C LEU D 92 26.66 1.66 2.07
N GLU D 93 27.70 2.27 1.51
CA GLU D 93 28.56 3.14 2.29
C GLU D 93 27.76 4.35 2.77
N THR D 94 26.81 4.81 1.96
CA THR D 94 25.99 5.94 2.36
C THR D 94 25.16 5.51 3.58
N LYS D 95 24.60 4.30 3.52
CA LYS D 95 23.79 3.83 4.64
C LYS D 95 24.63 3.78 5.92
N ASP D 96 25.88 3.34 5.81
CA ASP D 96 26.75 3.29 6.99
C ASP D 96 26.99 4.69 7.55
N ILE D 97 27.27 5.64 6.66
CA ILE D 97 27.51 7.01 7.07
C ILE D 97 26.25 7.60 7.71
N MSE D 98 25.10 7.36 7.10
CA MSE D 98 23.83 7.86 7.65
C MSE D 98 23.55 7.26 9.05
O MSE D 98 23.03 7.95 9.93
CB MSE D 98 22.67 7.52 6.71
CG MSE D 98 22.48 8.50 5.57
SE MSE D 98 21.24 7.79 4.25
CE MSE D 98 19.60 7.83 5.26
N GLN D 99 23.90 5.99 9.24
CA GLN D 99 23.70 5.35 10.53
C GLN D 99 24.59 6.04 11.55
N GLU D 100 25.83 6.33 11.16
CA GLU D 100 26.76 7.01 12.06
C GLU D 100 26.25 8.41 12.39
N GLN D 101 25.60 9.04 11.43
CA GLN D 101 25.03 10.37 11.64
C GLN D 101 23.90 10.31 12.69
N LEU D 102 23.00 9.33 12.56
CA LEU D 102 21.90 9.15 13.52
C LEU D 102 22.43 8.84 14.92
N ASP D 103 23.48 8.03 15.00
CA ASP D 103 24.05 7.66 16.29
C ASP D 103 24.61 8.90 17.00
N ALA D 104 25.24 9.78 16.22
CA ALA D 104 25.81 10.99 16.78
C ALA D 104 24.70 11.83 17.39
N TYR D 105 23.68 12.11 16.60
CA TYR D 105 22.55 12.90 17.06
C TYR D 105 21.97 12.28 18.33
N LYS D 106 21.83 10.96 18.30
CA LYS D 106 21.27 10.19 19.41
C LYS D 106 22.08 10.42 20.69
N ASN D 107 23.40 10.56 20.55
CA ASN D 107 24.26 10.76 21.71
C ASN D 107 24.63 12.22 21.94
N SER D 108 23.89 13.13 21.32
CA SER D 108 24.14 14.56 21.46
C SER D 108 25.59 14.85 21.06
N GLU D 109 26.02 14.19 20.00
CA GLU D 109 27.36 14.36 19.48
C GLU D 109 27.23 14.86 18.04
N GLU D 110 28.29 15.51 17.56
CA GLU D 110 28.30 16.05 16.21
C GLU D 110 28.60 15.00 15.16
N PRO D 111 27.79 14.94 14.11
CA PRO D 111 28.10 13.94 13.09
C PRO D 111 29.44 14.33 12.45
N ASP D 112 30.12 13.35 11.87
CA ASP D 112 31.45 13.53 11.26
C ASP D 112 31.45 14.39 10.00
N ALA D 113 32.07 15.57 10.09
CA ALA D 113 32.13 16.49 8.96
C ALA D 113 32.84 15.89 7.73
N ALA D 114 33.93 15.18 7.96
CA ALA D 114 34.69 14.59 6.86
C ALA D 114 33.92 13.55 6.04
N SER D 115 33.18 12.68 6.72
CA SER D 115 32.40 11.67 6.01
C SER D 115 31.27 12.36 5.26
N PHE D 116 30.67 13.37 5.90
CA PHE D 116 29.58 14.12 5.29
C PHE D 116 29.99 14.69 3.94
N GLU D 117 31.09 15.44 3.94
CA GLU D 117 31.59 16.06 2.72
C GLU D 117 32.05 15.02 1.71
N TYR D 118 32.72 13.97 2.18
CA TYR D 118 33.17 12.94 1.26
C TYR D 118 31.98 12.28 0.53
N ILE D 119 30.96 11.89 1.28
CA ILE D 119 29.83 11.19 0.68
C ILE D 119 28.98 12.09 -0.21
N CYS D 120 28.81 13.35 0.17
CA CYS D 120 28.03 14.26 -0.65
C CYS D 120 28.72 14.48 -1.99
N ASN D 121 30.05 14.64 -1.97
CA ASN D 121 30.78 14.82 -3.22
C ASN D 121 30.72 13.56 -4.08
N ALA D 122 30.83 12.39 -3.45
CA ALA D 122 30.79 11.14 -4.22
C ALA D 122 29.43 10.93 -4.88
N LEU D 123 28.37 11.18 -4.11
CA LEU D 123 27.00 11.01 -4.63
C LEU D 123 26.70 12.05 -5.70
N ARG D 124 27.22 13.25 -5.51
CA ARG D 124 26.99 14.31 -6.47
C ARG D 124 27.70 14.06 -7.79
N GLN D 125 28.93 13.56 -7.71
CA GLN D 125 29.70 13.27 -8.90
C GLN D 125 28.99 12.28 -9.83
N LEU D 126 28.58 11.15 -9.27
CA LEU D 126 27.89 10.13 -10.05
C LEU D 126 26.59 10.65 -10.67
N ALA D 127 25.79 11.37 -9.90
CA ALA D 127 24.52 11.90 -10.40
C ALA D 127 24.71 12.79 -11.62
N LEU D 128 25.51 13.83 -11.49
CA LEU D 128 25.76 14.75 -12.61
C LEU D 128 26.31 13.96 -13.80
N GLU D 129 27.10 12.94 -13.49
CA GLU D 129 27.72 12.08 -14.50
C GLU D 129 26.64 11.32 -15.28
N ALA D 130 25.69 10.73 -14.57
CA ALA D 130 24.61 9.98 -15.21
C ALA D 130 23.72 10.93 -16.02
N LYS D 131 23.50 12.14 -15.51
CA LYS D 131 22.69 13.12 -16.20
C LYS D 131 23.48 13.71 -17.35
N GLY D 132 24.80 13.80 -17.16
CA GLY D 132 25.66 14.34 -18.19
C GLY D 132 25.64 13.48 -19.44
N GLU D 133 25.58 12.16 -19.26
CA GLU D 133 25.54 11.25 -20.38
C GLU D 133 24.22 11.45 -21.15
S SO4 E . 14.29 -9.20 23.31
O1 SO4 E . 13.24 -9.06 24.34
O2 SO4 E . 15.14 -7.99 23.30
O3 SO4 E . 15.13 -10.38 23.63
O4 SO4 E . 13.68 -9.37 21.98
#